data_7NZ9
#
_entry.id   7NZ9
#
_cell.length_a   51.976
_cell.length_b   106.814
_cell.length_c   129.668
_cell.angle_alpha   90.000
_cell.angle_beta   90.000
_cell.angle_gamma   90.000
#
_symmetry.space_group_name_H-M   'P 2 21 21'
#
loop_
_entity.id
_entity.type
_entity.pdbx_description
1 polymer 'tRNA-specific adenosine deaminase 2'
2 polymer 'Probable inactive tRNA-specific adenosine deaminase-like protein 3'
3 non-polymer 'ZINC ION'
4 water water
#
loop_
_entity_poly.entity_id
_entity_poly.type
_entity_poly.pdbx_seq_one_letter_code
_entity_poly.pdbx_strand_id
1 'polypeptide(L)'
;MEEKVESTTTPDGPCVVSVQETEKWMEEAMRMAKEALENIEVPVGCLMVYNNEVVGKGRNEVNQTKNATRHAEMVAIDQV
LDWCHQHGQSPSTVFEHTVLYVTVEPCIMCAAALRLMKIPLVVYGCQNERFGGCGSVLNIASADLPNTGRPFQCIPGYRA
EEAVELLKTFYKQENPNAPKSKVRKKDCQKS
;
A
2 'polypeptide(L)'
;MEPTSGFAEQPGPVKAESEEQEPAQWQALPVLSEQQSGAVELILAYAAPVLDKRQTSRLLREVSAVYPLPAQPHLKRVRP
SRSAGGAQSSDLLLCLAGPSAGPRSLAELLPRPAVDPRGLGTPFLVPLPARPPLTRSQFEEARAHWPTSFHEDKQVTSAL
AGQLFSTQERAAMQTHMERAVCAAQRAAAQGLRAVGAVVVDPASDRVLATGHDCSSVASPLLHAVMVCIDLVAQGQGEDS
LPYVCTGYDLYVTREPCVMCAMALVHARIQRVFYGAPSPDGALGTLFRVHARPDLNHRFQVFRGILEDQCRQLDPDP
;
B
#
loop_
_chem_comp.id
_chem_comp.type
_chem_comp.name
_chem_comp.formula
ZN non-polymer 'ZINC ION' 'Zn 2'
#
# COMPACT_ATOMS: atom_id res chain seq x y z
N PRO A 14 34.69 -14.27 9.57
CA PRO A 14 33.85 -15.26 10.25
C PRO A 14 32.61 -15.58 9.42
N CYS A 15 32.44 -14.82 8.34
CA CYS A 15 31.30 -15.00 7.44
CA CYS A 15 31.30 -15.02 7.44
C CYS A 15 31.55 -16.14 6.46
N VAL A 16 32.68 -16.09 5.74
CA VAL A 16 33.05 -17.14 4.81
C VAL A 16 33.29 -18.48 5.48
N VAL A 17 33.40 -18.50 6.82
CA VAL A 17 33.57 -19.78 7.51
C VAL A 17 32.23 -20.51 7.60
N SER A 18 31.11 -19.77 7.62
CA SER A 18 29.81 -20.41 7.59
C SER A 18 29.49 -20.95 6.20
N VAL A 19 29.96 -20.24 5.16
CA VAL A 19 29.76 -20.64 3.77
C VAL A 19 30.32 -22.03 3.49
N GLN A 20 31.33 -22.47 4.25
CA GLN A 20 31.97 -23.75 3.99
C GLN A 20 30.97 -24.90 4.06
N GLU A 21 30.03 -24.83 4.99
CA GLU A 21 29.03 -25.87 5.17
C GLU A 21 27.70 -25.55 4.51
N THR A 22 27.72 -24.74 3.43
CA THR A 22 26.49 -24.35 2.75
C THR A 22 25.57 -25.54 2.50
N GLU A 23 26.12 -26.67 2.08
CA GLU A 23 25.27 -27.81 1.75
C GLU A 23 24.54 -28.31 2.99
N LYS A 24 25.24 -28.46 4.11
CA LYS A 24 24.58 -28.89 5.34
C LYS A 24 23.50 -27.90 5.78
N TRP A 25 23.79 -26.60 5.70
CA TRP A 25 22.84 -25.62 6.22
C TRP A 25 21.59 -25.55 5.34
N MET A 26 21.74 -25.62 4.02
CA MET A 26 20.56 -25.56 3.15
C MET A 26 19.75 -26.85 3.21
N GLU A 27 20.40 -27.99 3.49
CA GLU A 27 19.65 -29.22 3.68
C GLU A 27 18.74 -29.11 4.89
N GLU A 28 19.23 -28.50 5.96
CA GLU A 28 18.38 -28.27 7.12
C GLU A 28 17.27 -27.28 6.80
N ALA A 29 17.59 -26.23 6.02
CA ALA A 29 16.54 -25.29 5.61
C ALA A 29 15.48 -25.99 4.77
N MET A 30 15.90 -26.88 3.87
CA MET A 30 14.93 -27.60 3.06
C MET A 30 14.08 -28.53 3.93
N ARG A 31 14.70 -29.17 4.93
CA ARG A 31 13.95 -30.01 5.85
C ARG A 31 12.88 -29.19 6.56
N MET A 32 13.23 -27.98 6.99
CA MET A 32 12.25 -27.13 7.66
C MET A 32 11.16 -26.68 6.70
N ALA A 33 11.53 -26.40 5.45
CA ALA A 33 10.54 -26.00 4.46
C ALA A 33 9.49 -27.10 4.25
N LYS A 34 9.92 -28.36 4.24
CA LYS A 34 8.98 -29.47 4.10
C LYS A 34 8.04 -29.57 5.29
N GLU A 35 8.56 -29.40 6.51
CA GLU A 35 7.69 -29.31 7.68
C GLU A 35 6.63 -28.24 7.49
N ALA A 36 7.05 -27.02 7.13
CA ALA A 36 6.10 -25.94 6.95
C ALA A 36 5.00 -26.34 5.96
N LEU A 37 5.39 -26.97 4.87
CA LEU A 37 4.42 -27.44 3.88
C LEU A 37 3.43 -28.42 4.51
N GLU A 38 3.92 -29.36 5.32
CA GLU A 38 3.01 -30.32 5.95
C GLU A 38 2.08 -29.66 6.95
N ASN A 39 2.45 -28.49 7.47
CA ASN A 39 1.61 -27.76 8.42
C ASN A 39 0.85 -26.62 7.77
N ILE A 40 0.61 -26.70 6.46
CA ILE A 40 -0.24 -25.76 5.73
C ILE A 40 0.31 -24.35 5.89
N GLU A 41 1.64 -24.21 5.75
CA GLU A 41 2.33 -22.92 5.72
C GLU A 41 3.10 -22.81 4.41
N VAL A 42 3.28 -21.59 3.91
CA VAL A 42 4.19 -21.35 2.80
C VAL A 42 5.49 -22.08 3.10
N PRO A 43 5.95 -22.97 2.24
CA PRO A 43 7.11 -23.83 2.57
C PRO A 43 8.45 -23.10 2.45
N VAL A 44 8.74 -22.27 3.44
CA VAL A 44 10.02 -21.57 3.55
C VAL A 44 10.67 -21.96 4.87
N GLY A 45 11.87 -22.53 4.81
CA GLY A 45 12.65 -22.81 5.99
C GLY A 45 13.89 -21.95 5.95
N CYS A 46 14.42 -21.62 7.13
CA CYS A 46 15.64 -20.83 7.09
C CYS A 46 16.47 -21.01 8.35
N LEU A 47 17.79 -20.82 8.21
CA LEU A 47 18.77 -20.93 9.27
C LEU A 47 19.67 -19.70 9.26
N MET A 48 20.06 -19.25 10.44
CA MET A 48 21.05 -18.19 10.58
C MET A 48 22.27 -18.75 11.28
N VAL A 49 23.42 -18.65 10.61
CA VAL A 49 24.66 -19.30 11.05
C VAL A 49 25.68 -18.23 11.37
N TYR A 50 26.17 -18.25 12.60
CA TYR A 50 27.19 -17.33 13.09
C TYR A 50 28.38 -18.15 13.55
N ASN A 51 29.50 -18.03 12.84
CA ASN A 51 30.74 -18.75 13.17
C ASN A 51 30.50 -20.26 13.18
N ASN A 52 29.92 -20.76 12.09
CA ASN A 52 29.62 -22.17 11.85
C ASN A 52 28.73 -22.79 12.93
N GLU A 53 27.93 -21.99 13.62
CA GLU A 53 26.95 -22.48 14.58
C GLU A 53 25.59 -21.85 14.26
N VAL A 54 24.53 -22.63 14.34
CA VAL A 54 23.18 -22.13 14.10
C VAL A 54 22.76 -21.33 15.32
N VAL A 55 22.57 -20.01 15.13
CA VAL A 55 22.10 -19.16 16.24
C VAL A 55 20.61 -18.86 16.15
N GLY A 56 19.96 -19.26 15.08
CA GLY A 56 18.54 -19.07 14.96
C GLY A 56 18.04 -19.81 13.75
N LYS A 57 16.79 -20.21 13.77
CA LYS A 57 16.17 -20.87 12.63
C LYS A 57 14.70 -20.55 12.66
N GLY A 58 14.04 -20.75 11.52
CA GLY A 58 12.61 -20.48 11.47
C GLY A 58 11.97 -21.02 10.21
N ARG A 59 10.69 -21.36 10.29
CA ARG A 59 9.89 -21.55 9.10
C ARG A 59 8.66 -20.67 9.22
N ASN A 60 7.95 -20.49 8.12
CA ASN A 60 6.77 -19.63 8.14
CA ASN A 60 6.77 -19.63 8.14
C ASN A 60 5.80 -20.07 9.21
N GLU A 61 5.35 -19.11 10.03
CA GLU A 61 4.41 -19.39 11.11
C GLU A 61 3.21 -18.48 11.02
N VAL A 62 2.88 -18.05 9.80
CA VAL A 62 1.80 -17.08 9.58
C VAL A 62 0.46 -17.69 9.98
N ASN A 63 0.12 -18.86 9.42
CA ASN A 63 -1.19 -19.45 9.70
C ASN A 63 -1.27 -20.00 11.12
N GLN A 64 -0.16 -20.50 11.66
CA GLN A 64 -0.14 -20.97 13.03
C GLN A 64 -0.45 -19.84 14.02
N THR A 65 0.22 -18.69 13.86
CA THR A 65 0.10 -17.57 14.79
C THR A 65 -1.01 -16.60 14.44
N LYS A 66 -1.67 -16.76 13.29
CA LYS A 66 -2.68 -15.81 12.83
C LYS A 66 -2.08 -14.40 12.67
N ASN A 67 -0.86 -14.34 12.13
CA ASN A 67 -0.12 -13.08 12.09
C ASN A 67 0.72 -13.05 10.82
N ALA A 68 0.29 -12.23 9.86
CA ALA A 68 0.87 -12.17 8.51
C ALA A 68 2.36 -11.81 8.50
N THR A 69 2.91 -11.27 9.57
CA THR A 69 4.32 -10.88 9.55
C THR A 69 5.26 -11.99 9.98
N ARG A 70 4.74 -13.16 10.39
CA ARG A 70 5.60 -14.20 10.98
C ARG A 70 6.18 -15.12 9.90
N HIS A 71 6.84 -14.49 8.93
CA HIS A 71 7.61 -15.19 7.92
C HIS A 71 8.80 -15.91 8.58
N ALA A 72 9.29 -16.95 7.89
CA ALA A 72 10.45 -17.69 8.38
C ALA A 72 11.59 -16.78 8.82
N GLU A 73 11.92 -15.77 7.99
CA GLU A 73 13.05 -14.91 8.30
C GLU A 73 12.81 -14.09 9.55
N MET A 74 11.58 -13.59 9.74
CA MET A 74 11.26 -12.85 10.96
C MET A 74 11.37 -13.75 12.19
N VAL A 75 10.89 -15.00 12.07
CA VAL A 75 10.99 -15.96 13.18
C VAL A 75 12.46 -16.23 13.53
N ALA A 76 13.30 -16.40 12.51
CA ALA A 76 14.72 -16.67 12.76
C ALA A 76 15.41 -15.45 13.35
N ILE A 77 15.14 -14.24 12.83
CA ILE A 77 15.70 -13.04 13.41
C ILE A 77 15.40 -12.96 14.92
N ASP A 78 14.15 -13.25 15.32
CA ASP A 78 13.79 -13.18 16.73
C ASP A 78 14.55 -14.21 17.56
N GLN A 79 14.77 -15.41 17.01
CA GLN A 79 15.58 -16.42 17.72
C GLN A 79 17.02 -15.95 17.91
N VAL A 80 17.63 -15.36 16.88
CA VAL A 80 19.00 -14.88 17.05
C VAL A 80 19.04 -13.77 18.09
N LEU A 81 18.03 -12.89 18.08
CA LEU A 81 17.96 -11.83 19.09
C LEU A 81 17.82 -12.43 20.50
N ASP A 82 17.03 -13.49 20.66
CA ASP A 82 16.95 -14.15 21.96
C ASP A 82 18.30 -14.74 22.34
N TRP A 83 18.95 -15.42 21.41
CA TRP A 83 20.29 -15.95 21.63
C TRP A 83 21.26 -14.85 22.06
N CYS A 84 21.25 -13.69 21.38
CA CYS A 84 22.13 -12.59 21.77
C CYS A 84 21.81 -12.09 23.17
N HIS A 85 20.52 -11.95 23.49
CA HIS A 85 20.11 -11.46 24.80
C HIS A 85 20.56 -12.41 25.91
N GLN A 86 20.40 -13.72 25.70
CA GLN A 86 20.70 -14.69 26.76
C GLN A 86 22.20 -14.80 27.01
N HIS A 87 23.01 -14.66 25.97
CA HIS A 87 24.45 -14.81 26.07
C HIS A 87 25.18 -13.48 26.15
N GLY A 88 24.45 -12.39 26.37
CA GLY A 88 25.07 -11.09 26.59
C GLY A 88 25.96 -10.60 25.46
N GLN A 89 25.64 -10.95 24.23
CA GLN A 89 26.36 -10.42 23.07
C GLN A 89 25.52 -9.36 22.39
N SER A 90 26.19 -8.38 21.79
CA SER A 90 25.37 -7.36 21.15
C SER A 90 24.91 -7.85 19.78
N PRO A 91 23.67 -7.58 19.42
CA PRO A 91 23.19 -8.01 18.09
C PRO A 91 24.09 -7.55 16.96
N SER A 92 24.64 -6.32 17.06
CA SER A 92 25.51 -5.80 16.02
C SER A 92 26.65 -6.76 15.68
N THR A 93 27.42 -7.16 16.69
CA THR A 93 28.57 -8.02 16.42
C THR A 93 28.14 -9.37 15.85
N VAL A 94 26.97 -9.87 16.25
CA VAL A 94 26.52 -11.17 15.79
C VAL A 94 25.93 -11.09 14.39
N PHE A 95 24.89 -10.26 14.22
CA PHE A 95 24.20 -10.18 12.94
C PHE A 95 25.14 -9.74 11.82
N GLU A 96 26.11 -8.87 12.10
CA GLU A 96 26.98 -8.43 11.01
C GLU A 96 27.93 -9.49 10.55
N HIS A 97 28.00 -10.63 11.25
CA HIS A 97 28.83 -11.75 10.80
C HIS A 97 28.00 -13.02 10.70
N THR A 98 26.72 -12.88 10.37
CA THR A 98 25.80 -14.01 10.24
C THR A 98 25.38 -14.16 8.79
N VAL A 99 25.30 -15.41 8.33
CA VAL A 99 24.77 -15.73 7.01
C VAL A 99 23.38 -16.32 7.20
N LEU A 100 22.44 -15.86 6.40
CA LEU A 100 21.10 -16.43 6.35
C LEU A 100 21.03 -17.41 5.17
N TYR A 101 20.58 -18.63 5.45
CA TYR A 101 20.25 -19.65 4.45
C TYR A 101 18.75 -19.81 4.44
N VAL A 102 18.11 -19.55 3.30
CA VAL A 102 16.65 -19.60 3.21
C VAL A 102 16.27 -20.25 1.88
N THR A 103 15.21 -21.09 1.87
CA THR A 103 14.90 -21.84 0.64
C THR A 103 14.33 -20.95 -0.45
N VAL A 104 13.81 -19.78 -0.12
CA VAL A 104 13.11 -18.91 -1.06
C VAL A 104 13.66 -17.50 -0.91
N GLU A 105 13.81 -16.80 -2.03
CA GLU A 105 14.19 -15.39 -2.05
C GLU A 105 13.38 -14.61 -1.03
N PRO A 106 14.02 -13.88 -0.12
CA PRO A 106 13.26 -13.10 0.88
C PRO A 106 12.32 -12.10 0.22
N CYS A 107 11.14 -11.95 0.83
CA CYS A 107 10.17 -11.00 0.31
C CYS A 107 10.61 -9.57 0.62
N ILE A 108 9.89 -8.62 0.05
CA ILE A 108 10.16 -7.20 0.28
C ILE A 108 10.27 -6.86 1.77
N MET A 109 9.35 -7.38 2.60
CA MET A 109 9.36 -7.06 4.03
C MET A 109 10.61 -7.62 4.72
N CYS A 110 10.89 -8.91 4.50
CA CYS A 110 12.03 -9.56 5.16
C CYS A 110 13.36 -9.02 4.65
N ALA A 111 13.45 -8.73 3.36
CA ALA A 111 14.67 -8.09 2.85
C ALA A 111 14.94 -6.78 3.58
N ALA A 112 13.90 -5.99 3.87
CA ALA A 112 14.12 -4.77 4.61
C ALA A 112 14.55 -5.05 6.05
N ALA A 113 13.91 -6.03 6.73
CA ALA A 113 14.34 -6.42 8.07
C ALA A 113 15.81 -6.86 8.09
N LEU A 114 16.22 -7.65 7.10
CA LEU A 114 17.61 -8.13 7.03
C LEU A 114 18.59 -6.97 6.82
N ARG A 115 18.20 -5.95 6.04
CA ARG A 115 19.03 -4.76 5.91
C ARG A 115 19.14 -4.04 7.25
N LEU A 116 18.01 -3.86 7.94
CA LEU A 116 18.02 -3.17 9.22
C LEU A 116 18.88 -3.93 10.24
N MET A 117 18.88 -5.26 10.17
CA MET A 117 19.74 -6.02 11.06
C MET A 117 21.19 -6.08 10.56
N LYS A 118 21.48 -5.57 9.36
CA LYS A 118 22.82 -5.52 8.79
C LYS A 118 23.42 -6.91 8.62
N ILE A 119 22.57 -7.89 8.30
CA ILE A 119 23.02 -9.20 7.81
C ILE A 119 23.81 -9.00 6.52
N PRO A 120 25.06 -9.51 6.40
CA PRO A 120 25.84 -9.22 5.18
C PRO A 120 25.53 -10.14 4.00
N LEU A 121 25.00 -11.35 4.23
CA LEU A 121 24.95 -12.32 3.15
C LEU A 121 23.74 -13.22 3.28
N VAL A 122 23.04 -13.42 2.18
CA VAL A 122 21.93 -14.35 2.14
C VAL A 122 22.19 -15.38 1.04
N VAL A 123 22.15 -16.65 1.40
CA VAL A 123 22.14 -17.74 0.45
C VAL A 123 20.69 -18.21 0.34
N TYR A 124 20.11 -18.17 -0.86
CA TYR A 124 18.73 -18.59 -1.00
C TYR A 124 18.54 -19.52 -2.19
N GLY A 125 17.43 -20.23 -2.17
CA GLY A 125 17.08 -21.15 -3.24
C GLY A 125 16.37 -20.51 -4.42
N CYS A 126 15.05 -20.68 -4.50
CA CYS A 126 14.32 -20.28 -5.69
C CYS A 126 13.88 -18.81 -5.61
N GLN A 127 13.55 -18.25 -6.77
CA GLN A 127 13.00 -16.91 -6.85
C GLN A 127 11.63 -16.84 -6.18
N ASN A 128 11.29 -15.64 -5.72
CA ASN A 128 10.02 -15.34 -5.09
C ASN A 128 9.26 -14.42 -6.04
N GLU A 129 8.50 -15.01 -6.97
CA GLU A 129 7.82 -14.21 -7.99
C GLU A 129 6.70 -13.34 -7.41
N ARG A 130 6.09 -13.78 -6.31
CA ARG A 130 4.95 -13.03 -5.78
C ARG A 130 5.38 -11.80 -4.99
N PHE A 131 6.47 -11.91 -4.20
CA PHE A 131 6.80 -10.87 -3.21
C PHE A 131 8.29 -10.56 -3.12
N GLY A 132 9.13 -11.14 -3.99
CA GLY A 132 10.57 -11.09 -3.80
C GLY A 132 11.20 -9.73 -3.66
N GLY A 133 12.02 -9.54 -2.62
CA GLY A 133 12.71 -8.29 -2.40
C GLY A 133 14.19 -8.30 -2.71
N CYS A 134 14.69 -9.33 -3.39
CA CYS A 134 16.07 -9.36 -3.85
C CYS A 134 16.13 -9.31 -5.37
N GLY A 135 15.15 -8.67 -6.00
CA GLY A 135 15.16 -8.53 -7.45
C GLY A 135 13.88 -8.95 -8.16
N SER A 136 13.10 -9.89 -7.62
CA SER A 136 11.97 -10.39 -8.40
C SER A 136 10.89 -9.31 -8.57
N VAL A 137 10.42 -8.74 -7.48
CA VAL A 137 9.47 -7.64 -7.55
C VAL A 137 10.15 -6.30 -7.35
N LEU A 138 10.92 -6.17 -6.25
CA LEU A 138 11.76 -5.02 -6.00
C LEU A 138 13.16 -5.50 -5.62
N ASN A 139 14.16 -4.65 -5.84
CA ASN A 139 15.50 -4.97 -5.35
C ASN A 139 15.78 -4.20 -4.06
N ILE A 140 15.14 -4.65 -2.98
CA ILE A 140 15.39 -4.07 -1.66
C ILE A 140 16.79 -4.42 -1.19
N ALA A 141 17.24 -5.65 -1.46
CA ALA A 141 18.53 -6.14 -0.97
C ALA A 141 19.68 -5.19 -1.25
N SER A 142 19.78 -4.67 -2.48
CA SER A 142 20.87 -3.81 -2.90
CA SER A 142 20.89 -3.78 -2.81
C SER A 142 20.45 -2.37 -3.17
N ALA A 143 19.20 -1.99 -2.86
CA ALA A 143 18.73 -0.65 -3.18
C ALA A 143 19.53 0.41 -2.42
N ASP A 144 19.52 1.63 -2.95
CA ASP A 144 20.14 2.75 -2.26
C ASP A 144 19.12 3.30 -1.25
N LEU A 145 19.19 2.81 -0.01
CA LEU A 145 18.27 3.20 1.07
C LEU A 145 19.12 3.64 2.26
N PRO A 146 19.61 4.88 2.26
CA PRO A 146 20.61 5.30 3.25
C PRO A 146 20.10 5.33 4.68
N ASN A 147 18.79 5.32 4.90
CA ASN A 147 18.27 5.31 6.26
C ASN A 147 17.71 3.96 6.65
N THR A 148 17.89 2.95 5.79
CA THR A 148 17.30 1.64 6.02
C THR A 148 18.41 0.61 6.07
N GLY A 149 19.19 0.62 7.16
CA GLY A 149 20.24 -0.36 7.37
C GLY A 149 21.26 -0.33 6.24
N ARG A 150 21.83 -1.50 5.92
CA ARG A 150 22.84 -1.66 4.90
C ARG A 150 22.35 -2.62 3.82
N PRO A 151 22.77 -2.42 2.58
CA PRO A 151 22.48 -3.43 1.55
C PRO A 151 23.20 -4.74 1.87
N PHE A 152 22.62 -5.87 1.44
CA PHE A 152 23.29 -7.15 1.60
C PHE A 152 23.52 -7.84 0.26
N GLN A 153 24.39 -8.84 0.27
CA GLN A 153 24.68 -9.60 -0.94
C GLN A 153 23.98 -10.95 -0.92
N CYS A 154 23.75 -11.48 -2.11
CA CYS A 154 23.00 -12.72 -2.28
C CYS A 154 23.80 -13.75 -3.10
N ILE A 155 23.67 -15.01 -2.68
CA ILE A 155 24.02 -16.16 -3.51
C ILE A 155 22.71 -16.86 -3.85
N PRO A 156 22.10 -16.59 -5.01
CA PRO A 156 20.80 -17.19 -5.33
C PRO A 156 20.96 -18.52 -6.04
N GLY A 157 19.85 -19.26 -6.08
CA GLY A 157 19.76 -20.44 -6.90
C GLY A 157 20.14 -21.75 -6.26
N TYR A 158 20.49 -21.77 -4.98
CA TYR A 158 20.95 -23.02 -4.37
C TYR A 158 19.78 -23.96 -4.12
N ARG A 159 19.76 -25.08 -4.86
CA ARG A 159 18.67 -26.05 -4.81
C ARG A 159 17.33 -25.38 -5.13
N ALA A 160 17.36 -24.42 -6.07
CA ALA A 160 16.16 -23.69 -6.45
C ALA A 160 15.08 -24.63 -6.99
N GLU A 161 15.47 -25.67 -7.72
CA GLU A 161 14.48 -26.56 -8.33
C GLU A 161 13.65 -27.26 -7.26
N GLU A 162 14.30 -27.87 -6.27
CA GLU A 162 13.54 -28.47 -5.18
C GLU A 162 12.70 -27.44 -4.47
N ALA A 163 13.28 -26.27 -4.18
CA ALA A 163 12.57 -25.27 -3.39
C ALA A 163 11.34 -24.76 -4.12
N VAL A 164 11.44 -24.51 -5.43
CA VAL A 164 10.28 -23.97 -6.12
C VAL A 164 9.22 -25.04 -6.31
N GLU A 165 9.62 -26.31 -6.33
CA GLU A 165 8.60 -27.37 -6.40
C GLU A 165 7.75 -27.39 -5.13
N LEU A 166 8.37 -27.13 -3.97
CA LEU A 166 7.60 -27.00 -2.75
C LEU A 166 6.60 -25.85 -2.85
N LEU A 167 7.07 -24.70 -3.33
CA LEU A 167 6.18 -23.54 -3.47
C LEU A 167 4.97 -23.86 -4.35
N LYS A 168 5.21 -24.42 -5.53
CA LYS A 168 4.11 -24.72 -6.44
C LYS A 168 3.14 -25.71 -5.80
N THR A 169 3.66 -26.72 -5.10
CA THR A 169 2.79 -27.66 -4.39
C THR A 169 1.88 -26.92 -3.42
N PHE A 170 2.46 -26.02 -2.62
CA PHE A 170 1.66 -25.25 -1.66
C PHE A 170 0.60 -24.42 -2.39
N TYR A 171 0.98 -23.69 -3.42
CA TYR A 171 0.03 -22.77 -4.05
C TYR A 171 -1.07 -23.50 -4.81
N LYS A 172 -0.86 -24.77 -5.18
CA LYS A 172 -1.97 -25.58 -5.67
C LYS A 172 -2.98 -25.88 -4.57
N GLN A 173 -2.52 -26.09 -3.35
CA GLN A 173 -3.36 -26.50 -2.22
C GLN A 173 -4.03 -25.33 -1.51
N GLU A 174 -4.31 -24.24 -2.20
CA GLU A 174 -4.97 -23.10 -1.53
C GLU A 174 -6.11 -22.50 -2.36
N GLN B 25 -3.72 23.51 10.70
CA GLN B 25 -4.16 23.52 9.31
C GLN B 25 -3.59 22.35 8.52
N TRP B 26 -4.43 21.61 7.79
CA TRP B 26 -3.93 20.43 7.10
C TRP B 26 -4.91 19.99 6.02
N GLN B 27 -4.38 19.25 5.05
CA GLN B 27 -5.12 18.78 3.89
C GLN B 27 -4.66 17.38 3.50
N ALA B 28 -5.60 16.48 3.26
CA ALA B 28 -5.31 15.07 2.97
C ALA B 28 -5.08 14.88 1.47
N LEU B 29 -3.85 14.51 1.08
CA LEU B 29 -3.51 14.33 -0.32
C LEU B 29 -3.39 12.85 -0.64
N PRO B 30 -4.14 12.32 -1.60
CA PRO B 30 -3.99 10.90 -1.96
C PRO B 30 -2.61 10.62 -2.55
N VAL B 31 -2.12 9.41 -2.29
CA VAL B 31 -0.84 8.94 -2.82
C VAL B 31 -1.17 7.77 -3.75
N LEU B 32 -1.11 8.03 -5.04
CA LEU B 32 -1.53 7.08 -6.04
C LEU B 32 -0.30 6.55 -6.77
N SER B 33 -0.48 5.43 -7.46
CA SER B 33 0.57 4.97 -8.35
C SER B 33 0.90 6.06 -9.36
N GLU B 34 2.09 5.97 -9.96
CA GLU B 34 2.43 6.96 -10.97
C GLU B 34 1.46 6.91 -12.14
N GLN B 35 0.94 5.72 -12.46
CA GLN B 35 -0.05 5.58 -13.53
C GLN B 35 -1.30 6.42 -13.28
N GLN B 36 -1.89 6.30 -12.08
CA GLN B 36 -3.12 7.02 -11.78
C GLN B 36 -2.90 8.48 -11.41
N SER B 37 -1.65 8.93 -11.32
CA SER B 37 -1.36 10.30 -10.89
C SER B 37 -1.40 11.31 -12.03
N GLY B 38 -1.23 10.87 -13.27
CA GLY B 38 -1.22 11.78 -14.37
C GLY B 38 -2.60 12.33 -14.70
N ALA B 39 -2.69 12.91 -15.89
CA ALA B 39 -3.96 13.43 -16.36
C ALA B 39 -4.84 12.30 -16.86
N VAL B 40 -6.13 12.39 -16.56
CA VAL B 40 -7.10 11.49 -17.19
C VAL B 40 -7.14 11.80 -18.67
N GLU B 41 -7.18 10.76 -19.49
CA GLU B 41 -7.39 10.99 -20.92
C GLU B 41 -8.80 11.53 -21.16
N LEU B 42 -8.97 12.18 -22.30
CA LEU B 42 -10.23 12.79 -22.68
C LEU B 42 -10.89 11.99 -23.78
N ILE B 43 -12.22 11.99 -23.81
CA ILE B 43 -12.96 11.40 -24.91
C ILE B 43 -13.89 12.48 -25.46
N LEU B 44 -14.28 12.31 -26.72
CA LEU B 44 -15.11 13.32 -27.36
C LEU B 44 -16.58 12.97 -27.20
N ALA B 45 -17.41 14.01 -27.04
CA ALA B 45 -18.85 13.83 -26.89
C ALA B 45 -19.56 15.01 -27.54
N TYR B 46 -20.88 14.86 -27.71
CA TYR B 46 -21.73 15.91 -28.26
C TYR B 46 -22.56 16.53 -27.12
N ALA B 47 -22.51 17.85 -27.01
CA ALA B 47 -23.42 18.62 -26.18
C ALA B 47 -24.23 19.57 -27.06
N ALA B 48 -25.28 20.16 -26.49
CA ALA B 48 -26.05 21.14 -27.23
C ALA B 48 -26.50 22.20 -26.24
N PRO B 49 -26.57 23.47 -26.67
CA PRO B 49 -27.07 24.50 -25.76
C PRO B 49 -28.56 24.35 -25.53
N VAL B 50 -28.98 24.65 -24.30
CA VAL B 50 -30.38 24.68 -23.94
C VAL B 50 -30.86 26.12 -24.10
N LEU B 51 -31.54 26.40 -25.20
CA LEU B 51 -31.93 27.77 -25.49
C LEU B 51 -33.23 28.14 -24.79
N ASP B 52 -34.12 27.17 -24.58
CA ASP B 52 -35.33 27.35 -23.76
C ASP B 52 -35.08 26.62 -22.44
N LYS B 53 -34.67 27.38 -21.42
CA LYS B 53 -34.27 26.77 -20.16
C LYS B 53 -35.42 26.00 -19.51
N ARG B 54 -36.67 26.35 -19.82
CA ARG B 54 -37.78 25.67 -19.16
C ARG B 54 -38.06 24.31 -19.77
N GLN B 55 -37.32 23.91 -20.80
CA GLN B 55 -37.37 22.54 -21.31
C GLN B 55 -36.32 21.63 -20.67
N THR B 56 -35.49 22.17 -19.76
CA THR B 56 -34.30 21.45 -19.29
C THR B 56 -34.65 20.08 -18.70
N SER B 57 -35.62 20.05 -17.78
CA SER B 57 -35.89 18.81 -17.08
C SER B 57 -36.44 17.75 -18.03
N ARG B 58 -37.35 18.15 -18.92
CA ARG B 58 -37.88 17.24 -19.95
C ARG B 58 -36.78 16.72 -20.87
N LEU B 59 -35.93 17.62 -21.39
CA LEU B 59 -34.86 17.21 -22.29
C LEU B 59 -33.87 16.28 -21.59
N LEU B 60 -33.49 16.62 -20.37
CA LEU B 60 -32.60 15.75 -19.60
C LEU B 60 -33.19 14.36 -19.47
N ARG B 61 -34.49 14.28 -19.15
CA ARG B 61 -35.14 12.97 -19.02
C ARG B 61 -35.15 12.22 -20.35
N GLU B 62 -35.55 12.90 -21.43
CA GLU B 62 -35.69 12.22 -22.71
C GLU B 62 -34.33 11.77 -23.25
N VAL B 63 -33.32 12.65 -23.18
CA VAL B 63 -32.04 12.33 -23.79
C VAL B 63 -31.31 11.27 -22.97
N SER B 64 -31.35 11.39 -21.65
CA SER B 64 -30.60 10.42 -20.85
C SER B 64 -31.28 9.05 -20.83
N ALA B 65 -32.56 8.96 -21.21
CA ALA B 65 -33.16 7.65 -21.41
C ALA B 65 -32.66 7.00 -22.69
N VAL B 66 -32.43 7.81 -23.73
CA VAL B 66 -31.87 7.27 -24.97
C VAL B 66 -30.38 6.96 -24.83
N TYR B 67 -29.64 7.81 -24.12
CA TYR B 67 -28.19 7.69 -23.99
C TYR B 67 -27.86 7.75 -22.50
N PRO B 68 -27.95 6.62 -21.80
CA PRO B 68 -27.73 6.66 -20.34
C PRO B 68 -26.29 6.92 -19.92
N LEU B 69 -25.31 6.78 -20.82
CA LEU B 69 -23.90 6.96 -20.50
C LEU B 69 -23.45 6.12 -19.31
N PRO B 70 -23.68 4.81 -19.34
CA PRO B 70 -23.34 3.98 -18.17
C PRO B 70 -21.86 3.98 -17.84
N ALA B 71 -20.99 4.10 -18.83
CA ALA B 71 -19.56 4.09 -18.56
C ALA B 71 -19.05 5.41 -17.98
N GLN B 72 -19.87 6.45 -17.81
CA GLN B 72 -19.41 7.75 -17.33
C GLN B 72 -20.35 8.33 -16.28
N PRO B 73 -20.59 7.60 -15.17
CA PRO B 73 -21.47 8.13 -14.12
C PRO B 73 -20.88 9.31 -13.36
N HIS B 74 -19.58 9.60 -13.52
CA HIS B 74 -19.01 10.77 -12.87
C HIS B 74 -19.43 12.10 -13.52
N LEU B 75 -20.01 12.09 -14.72
CA LEU B 75 -20.35 13.31 -15.45
C LEU B 75 -21.79 13.73 -15.15
N LYS B 76 -21.96 14.94 -14.65
CA LYS B 76 -23.27 15.57 -14.65
C LYS B 76 -23.67 15.88 -16.10
N ARG B 77 -24.99 15.85 -16.36
CA ARG B 77 -25.45 15.99 -17.74
C ARG B 77 -25.76 17.42 -18.14
N VAL B 78 -25.87 18.35 -17.19
CA VAL B 78 -26.14 19.75 -17.49
C VAL B 78 -24.95 20.58 -17.01
N ARG B 79 -24.37 21.36 -17.92
CA ARG B 79 -23.28 22.26 -17.55
C ARG B 79 -23.82 23.68 -17.43
N PRO B 80 -23.92 24.23 -16.24
CA PRO B 80 -24.29 25.64 -16.12
C PRO B 80 -23.15 26.53 -16.57
N SER B 81 -23.50 27.73 -17.01
CA SER B 81 -22.53 28.73 -17.41
C SER B 81 -23.02 30.08 -16.93
N ARG B 82 -22.14 30.85 -16.30
CA ARG B 82 -22.45 32.22 -15.90
C ARG B 82 -21.77 33.17 -16.87
N SER B 83 -22.54 34.13 -17.38
CA SER B 83 -21.99 35.12 -18.30
C SER B 83 -21.35 36.26 -17.51
N ALA B 84 -20.53 37.04 -18.22
CA ALA B 84 -19.92 38.23 -17.64
C ALA B 84 -20.98 39.27 -17.31
N GLY B 85 -21.88 38.92 -16.39
CA GLY B 85 -23.00 39.76 -16.01
C GLY B 85 -23.87 39.03 -15.00
N GLY B 86 -23.70 37.71 -14.93
CA GLY B 86 -24.44 36.88 -14.00
C GLY B 86 -25.52 36.05 -14.64
N ALA B 87 -25.84 36.30 -15.91
CA ALA B 87 -26.87 35.52 -16.60
C ALA B 87 -26.38 34.10 -16.82
N GLN B 88 -27.25 33.15 -16.55
CA GLN B 88 -26.89 31.74 -16.58
C GLN B 88 -27.55 31.03 -17.75
N SER B 89 -26.75 30.29 -18.50
CA SER B 89 -27.22 29.41 -19.57
C SER B 89 -26.74 27.99 -19.27
N SER B 90 -27.13 27.04 -20.12
CA SER B 90 -26.84 25.65 -19.85
C SER B 90 -26.63 24.89 -21.16
N ASP B 91 -25.75 23.89 -21.09
CA ASP B 91 -25.53 22.93 -22.14
C ASP B 91 -25.93 21.56 -21.63
N LEU B 92 -26.45 20.73 -22.52
CA LEU B 92 -26.88 19.39 -22.18
C LEU B 92 -25.96 18.39 -22.85
N LEU B 93 -25.46 17.43 -22.07
CA LEU B 93 -24.61 16.37 -22.62
C LEU B 93 -25.49 15.32 -23.31
N LEU B 94 -25.36 15.18 -24.62
CA LEU B 94 -26.22 14.27 -25.37
C LEU B 94 -25.69 12.83 -25.37
N CYS B 95 -24.48 12.62 -25.87
CA CYS B 95 -24.01 11.27 -26.15
C CYS B 95 -22.50 11.31 -26.45
N LEU B 96 -21.88 10.14 -26.35
CA LEU B 96 -20.49 10.03 -26.73
C LEU B 96 -20.36 10.14 -28.25
N ALA B 97 -19.22 10.63 -28.71
CA ALA B 97 -19.01 10.68 -30.14
C ALA B 97 -18.55 9.33 -30.64
N GLY B 98 -18.94 8.99 -31.86
CA GLY B 98 -18.53 7.75 -32.48
C GLY B 98 -17.09 7.78 -32.96
N PRO B 99 -16.73 6.83 -33.82
CA PRO B 99 -15.36 6.82 -34.36
C PRO B 99 -15.08 8.00 -35.28
N SER B 100 -16.11 8.52 -35.94
CA SER B 100 -15.99 9.70 -36.79
C SER B 100 -16.71 10.84 -36.07
N ALA B 101 -15.93 11.68 -35.37
CA ALA B 101 -16.52 12.75 -34.58
C ALA B 101 -16.68 14.00 -35.45
N GLY B 102 -17.58 13.89 -36.42
CA GLY B 102 -17.86 15.01 -37.29
C GLY B 102 -18.93 15.91 -36.73
N PRO B 103 -19.13 17.07 -37.35
CA PRO B 103 -20.34 17.86 -37.08
C PRO B 103 -21.59 16.99 -37.18
N ARG B 104 -22.50 17.15 -36.23
CA ARG B 104 -23.73 16.39 -36.21
C ARG B 104 -24.89 17.31 -35.88
N SER B 105 -26.05 17.01 -36.45
CA SER B 105 -27.25 17.79 -36.19
C SER B 105 -28.08 17.12 -35.11
N LEU B 106 -29.01 17.88 -34.53
CA LEU B 106 -29.96 17.28 -33.59
C LEU B 106 -30.72 16.13 -34.25
N ALA B 107 -31.08 16.27 -35.53
CA ALA B 107 -31.83 15.21 -36.18
C ALA B 107 -30.98 13.95 -36.33
N GLU B 108 -29.67 14.10 -36.55
CA GLU B 108 -28.80 12.93 -36.66
C GLU B 108 -28.57 12.25 -35.32
N LEU B 109 -28.54 13.00 -34.21
CA LEU B 109 -28.17 12.39 -32.94
C LEU B 109 -29.35 11.92 -32.11
N LEU B 110 -30.51 12.59 -32.18
CA LEU B 110 -31.60 12.34 -31.24
C LEU B 110 -32.81 11.75 -31.94
N PRO B 111 -33.21 10.51 -31.63
CA PRO B 111 -34.35 9.92 -32.34
C PRO B 111 -35.68 10.53 -31.91
N ARG B 112 -36.59 10.63 -32.89
CA ARG B 112 -37.97 10.95 -32.57
C ARG B 112 -38.87 9.75 -32.89
N PRO B 113 -39.95 9.55 -32.12
CA PRO B 113 -40.43 10.46 -31.08
C PRO B 113 -39.80 10.30 -29.69
N ALA B 114 -38.77 9.45 -29.51
CA ALA B 114 -38.21 9.26 -28.17
C ALA B 114 -37.74 10.57 -27.56
N VAL B 115 -37.26 11.50 -28.38
CA VAL B 115 -36.82 12.82 -27.92
C VAL B 115 -37.52 13.88 -28.75
N ASP B 116 -38.11 14.87 -28.07
CA ASP B 116 -38.59 16.08 -28.73
C ASP B 116 -37.50 17.13 -28.53
N PRO B 117 -36.74 17.48 -29.57
CA PRO B 117 -35.54 18.30 -29.36
C PRO B 117 -35.82 19.79 -29.20
N ARG B 118 -37.09 20.24 -29.23
CA ARG B 118 -37.38 21.67 -29.15
C ARG B 118 -36.79 22.26 -27.87
N GLY B 119 -36.08 23.37 -28.03
CA GLY B 119 -35.39 24.01 -26.92
C GLY B 119 -33.89 23.79 -26.95
N LEU B 120 -33.38 22.89 -27.79
CA LEU B 120 -31.95 22.67 -27.98
C LEU B 120 -31.43 23.40 -29.20
N GLY B 121 -30.17 23.85 -29.11
CA GLY B 121 -29.46 24.40 -30.24
C GLY B 121 -28.61 23.34 -30.91
N THR B 122 -27.69 23.82 -31.75
CA THR B 122 -26.91 22.92 -32.61
C THR B 122 -25.85 22.17 -31.79
N PRO B 123 -25.73 20.86 -31.94
CA PRO B 123 -24.73 20.11 -31.17
C PRO B 123 -23.31 20.56 -31.48
N PHE B 124 -22.45 20.44 -30.47
CA PHE B 124 -21.03 20.73 -30.63
C PHE B 124 -20.23 19.67 -29.87
N LEU B 125 -18.98 19.47 -30.32
CA LEU B 125 -18.10 18.49 -29.68
C LEU B 125 -17.47 19.08 -28.43
N VAL B 126 -17.40 18.27 -27.38
CA VAL B 126 -16.70 18.68 -26.17
C VAL B 126 -15.82 17.52 -25.70
N PRO B 127 -14.59 17.78 -25.27
CA PRO B 127 -13.80 16.70 -24.67
C PRO B 127 -14.18 16.54 -23.20
N LEU B 128 -14.34 15.29 -22.77
CA LEU B 128 -14.77 14.95 -21.42
C LEU B 128 -13.75 14.07 -20.73
N PRO B 129 -13.56 14.20 -19.41
CA PRO B 129 -12.72 13.25 -18.68
C PRO B 129 -13.31 11.85 -18.78
N ALA B 130 -12.47 10.89 -19.18
CA ALA B 130 -12.99 9.54 -19.41
C ALA B 130 -13.31 8.81 -18.10
N ARG B 131 -12.73 9.23 -16.99
CA ARG B 131 -12.80 8.54 -15.72
C ARG B 131 -12.85 9.58 -14.61
N PRO B 132 -13.38 9.22 -13.43
CA PRO B 132 -13.58 10.23 -12.39
C PRO B 132 -12.25 10.71 -11.81
N PRO B 133 -12.20 11.93 -11.31
CA PRO B 133 -10.95 12.44 -10.74
C PRO B 133 -10.69 11.87 -9.36
N LEU B 134 -9.41 11.74 -9.03
CA LEU B 134 -8.97 11.26 -7.72
C LEU B 134 -8.18 12.29 -6.94
N THR B 135 -7.35 13.09 -7.59
CA THR B 135 -6.62 14.16 -6.92
C THR B 135 -7.34 15.48 -7.10
N ARG B 136 -6.90 16.49 -6.34
CA ARG B 136 -7.43 17.83 -6.53
C ARG B 136 -7.04 18.38 -7.90
N SER B 137 -5.79 18.20 -8.29
CA SER B 137 -5.37 18.58 -9.64
C SER B 137 -6.30 18.00 -10.69
N GLN B 138 -6.62 16.70 -10.58
CA GLN B 138 -7.50 16.07 -11.56
C GLN B 138 -8.91 16.66 -11.51
N PHE B 139 -9.43 16.97 -10.32
CA PHE B 139 -10.78 17.52 -10.21
C PHE B 139 -10.87 18.88 -10.87
N GLU B 140 -9.86 19.72 -10.66
CA GLU B 140 -9.80 21.03 -11.30
C GLU B 140 -9.71 20.89 -12.82
N GLU B 141 -8.80 20.05 -13.31
CA GLU B 141 -8.73 19.77 -14.74
C GLU B 141 -10.07 19.26 -15.27
N ALA B 142 -10.69 18.31 -14.55
CA ALA B 142 -11.94 17.71 -15.01
C ALA B 142 -13.03 18.76 -15.14
N ARG B 143 -13.28 19.51 -14.07
CA ARG B 143 -14.38 20.46 -14.09
C ARG B 143 -14.11 21.64 -15.01
N ALA B 144 -12.86 21.86 -15.44
CA ALA B 144 -12.61 22.83 -16.51
C ALA B 144 -13.22 22.41 -17.86
N HIS B 145 -13.42 21.10 -18.09
CA HIS B 145 -14.08 20.64 -19.30
C HIS B 145 -15.58 20.49 -19.13
N TRP B 146 -16.01 19.95 -17.98
CA TRP B 146 -17.41 19.57 -17.76
C TRP B 146 -17.62 19.33 -16.26
N PRO B 147 -18.76 19.69 -15.70
CA PRO B 147 -18.99 19.43 -14.26
C PRO B 147 -18.82 17.96 -13.94
N THR B 148 -18.04 17.70 -12.89
CA THR B 148 -17.73 16.34 -12.50
CA THR B 148 -17.68 16.35 -12.49
C THR B 148 -17.98 16.17 -11.00
N SER B 149 -18.33 14.95 -10.62
CA SER B 149 -18.65 14.63 -9.24
C SER B 149 -17.39 14.24 -8.46
N PHE B 150 -17.47 14.39 -7.14
CA PHE B 150 -16.38 13.94 -6.26
C PHE B 150 -16.91 13.04 -5.14
N GLY B 162 -16.05 18.76 -4.85
CA GLY B 162 -15.37 19.84 -4.18
C GLY B 162 -14.16 19.43 -3.34
N GLN B 163 -14.42 18.89 -2.14
CA GLN B 163 -13.36 18.51 -1.20
C GLN B 163 -13.41 17.00 -0.95
N LEU B 164 -12.30 16.47 -0.44
CA LEU B 164 -12.12 15.03 -0.32
C LEU B 164 -12.84 14.46 0.90
N PHE B 165 -12.78 15.16 2.01
CA PHE B 165 -13.32 14.64 3.25
C PHE B 165 -14.30 15.63 3.86
N SER B 166 -15.39 15.09 4.40
CA SER B 166 -16.40 15.92 5.05
C SER B 166 -15.87 16.46 6.38
N THR B 167 -16.54 17.51 6.87
CA THR B 167 -16.19 18.09 8.16
C THR B 167 -16.16 17.03 9.26
N GLN B 168 -17.16 16.14 9.25
CA GLN B 168 -17.20 15.10 10.27
C GLN B 168 -16.03 14.14 10.10
N GLU B 169 -15.70 13.81 8.85
CA GLU B 169 -14.57 12.93 8.59
C GLU B 169 -13.26 13.57 9.03
N ARG B 170 -13.02 14.81 8.63
CA ARG B 170 -11.78 15.49 8.99
C ARG B 170 -11.63 15.57 10.50
N ALA B 171 -12.73 15.82 11.23
CA ALA B 171 -12.66 15.86 12.68
C ALA B 171 -12.22 14.51 13.24
N ALA B 172 -12.78 13.42 12.72
CA ALA B 172 -12.40 12.10 13.21
C ALA B 172 -10.94 11.82 12.91
N MET B 173 -10.51 12.15 11.69
CA MET B 173 -9.13 11.91 11.27
C MET B 173 -8.15 12.69 12.13
N GLN B 174 -8.46 13.96 12.41
CA GLN B 174 -7.59 14.74 13.29
C GLN B 174 -7.51 14.11 14.68
N THR B 175 -8.64 13.60 15.18
CA THR B 175 -8.63 13.00 16.52
C THR B 175 -7.73 11.77 16.57
N HIS B 176 -7.79 10.93 15.55
CA HIS B 176 -6.94 9.75 15.55
C HIS B 176 -5.48 10.12 15.35
N MET B 177 -5.19 11.08 14.47
CA MET B 177 -3.80 11.48 14.30
C MET B 177 -3.28 12.18 15.54
N GLU B 178 -4.12 12.91 16.26
CA GLU B 178 -3.67 13.52 17.51
C GLU B 178 -3.26 12.45 18.50
N ARG B 179 -3.98 11.33 18.52
CA ARG B 179 -3.62 10.24 19.41
C ARG B 179 -2.28 9.61 19.00
N ALA B 180 -2.02 9.50 17.70
CA ALA B 180 -0.74 9.01 17.22
C ALA B 180 0.39 9.98 17.56
N VAL B 181 0.18 11.30 17.35
CA VAL B 181 1.16 12.30 17.79
C VAL B 181 1.47 12.15 19.28
N CYS B 182 0.43 11.96 20.12
CA CYS B 182 0.66 11.84 21.55
C CYS B 182 1.47 10.60 21.88
N ALA B 183 1.24 9.50 21.17
CA ALA B 183 2.07 8.32 21.36
C ALA B 183 3.52 8.60 20.95
N ALA B 184 3.72 9.33 19.85
CA ALA B 184 5.08 9.64 19.40
C ALA B 184 5.80 10.51 20.42
N GLN B 185 5.08 11.41 21.07
CA GLN B 185 5.70 12.29 22.03
C GLN B 185 6.02 11.58 23.33
N ARG B 186 5.20 10.60 23.74
CA ARG B 186 5.57 9.75 24.86
C ARG B 186 6.87 9.02 24.57
N ALA B 187 6.99 8.46 23.36
CA ALA B 187 8.22 7.77 22.98
C ALA B 187 9.41 8.72 23.05
N ALA B 188 9.25 9.93 22.52
CA ALA B 188 10.33 10.92 22.58
C ALA B 188 10.74 11.22 24.02
N ALA B 189 9.76 11.35 24.93
CA ALA B 189 10.06 11.65 26.33
C ALA B 189 10.84 10.54 26.99
N GLN B 190 10.66 9.30 26.54
CA GLN B 190 11.38 8.16 27.10
C GLN B 190 12.71 7.88 26.41
N GLY B 191 13.03 8.60 25.33
CA GLY B 191 14.24 8.30 24.59
C GLY B 191 14.09 7.30 23.47
N LEU B 192 12.87 7.03 23.02
CA LEU B 192 12.61 6.15 21.89
C LEU B 192 12.37 6.98 20.63
N ARG B 193 12.49 6.33 19.47
CA ARG B 193 12.20 6.98 18.21
C ARG B 193 10.76 7.53 18.22
N ALA B 194 10.60 8.80 17.84
CA ALA B 194 9.33 9.51 18.01
C ALA B 194 8.40 9.25 16.83
N VAL B 195 7.87 8.02 16.79
CA VAL B 195 6.89 7.60 15.79
C VAL B 195 5.71 6.98 16.52
N GLY B 196 4.49 7.41 16.18
CA GLY B 196 3.30 6.90 16.81
C GLY B 196 2.28 6.46 15.79
N ALA B 197 1.46 5.47 16.18
CA ALA B 197 0.49 4.89 15.26
C ALA B 197 -0.78 4.48 15.99
N VAL B 198 -1.91 4.53 15.29
CA VAL B 198 -3.22 4.15 15.82
C VAL B 198 -3.93 3.31 14.76
N VAL B 199 -4.49 2.17 15.15
CA VAL B 199 -5.28 1.35 14.24
C VAL B 199 -6.77 1.53 14.59
N VAL B 200 -7.59 1.80 13.58
CA VAL B 200 -9.01 2.13 13.77
C VAL B 200 -9.87 1.23 12.89
N ASP B 201 -10.96 0.72 13.46
CA ASP B 201 -11.98 0.00 12.70
C ASP B 201 -13.02 1.02 12.23
N PRO B 202 -13.02 1.40 10.95
CA PRO B 202 -13.92 2.49 10.52
C PRO B 202 -15.39 2.09 10.51
N ALA B 203 -15.72 0.82 10.74
CA ALA B 203 -17.11 0.41 10.89
C ALA B 203 -17.73 1.00 12.16
N SER B 204 -16.95 1.04 13.23
CA SER B 204 -17.41 1.60 14.50
C SER B 204 -16.61 2.82 14.95
N ASP B 205 -15.61 3.24 14.18
CA ASP B 205 -14.69 4.31 14.57
C ASP B 205 -14.03 4.03 15.91
N ARG B 206 -13.89 2.76 16.29
CA ARG B 206 -13.20 2.46 17.53
C ARG B 206 -11.71 2.22 17.29
N VAL B 207 -10.90 2.65 18.25
CA VAL B 207 -9.45 2.42 18.20
C VAL B 207 -9.18 0.99 18.65
N LEU B 208 -8.46 0.24 17.82
CA LEU B 208 -8.09 -1.12 18.18
C LEU B 208 -6.69 -1.24 18.74
N ALA B 209 -5.81 -0.28 18.47
CA ALA B 209 -4.43 -0.38 18.92
C ALA B 209 -3.83 1.02 18.87
N THR B 210 -2.96 1.30 19.85
CA THR B 210 -2.18 2.53 19.88
C THR B 210 -0.77 2.12 20.26
N GLY B 211 0.23 2.57 19.51
CA GLY B 211 1.59 2.18 19.79
C GLY B 211 2.58 3.21 19.28
N HIS B 212 3.76 3.18 19.87
CA HIS B 212 4.86 3.95 19.33
C HIS B 212 6.03 3.02 19.05
N ASP B 213 7.06 3.58 18.42
CA ASP B 213 8.30 2.83 18.26
C ASP B 213 8.84 2.41 19.63
N CYS B 214 9.19 1.14 19.75
CA CYS B 214 9.80 0.59 20.96
C CYS B 214 11.16 -0.03 20.67
N SER B 215 11.78 0.33 19.55
CA SER B 215 13.01 -0.33 19.13
C SER B 215 14.11 -0.09 20.15
N SER B 216 14.92 -1.11 20.37
CA SER B 216 15.99 -1.04 21.35
C SER B 216 17.19 -1.79 20.80
N VAL B 217 18.29 -1.73 21.54
CA VAL B 217 19.48 -2.49 21.15
C VAL B 217 19.15 -3.98 21.08
N ALA B 218 18.39 -4.48 22.05
CA ALA B 218 18.02 -5.90 22.05
C ALA B 218 16.96 -6.23 21.01
N SER B 219 16.14 -5.27 20.61
CA SER B 219 14.96 -5.54 19.77
C SER B 219 14.81 -4.42 18.74
N PRO B 220 15.64 -4.43 17.70
CA PRO B 220 15.73 -3.25 16.83
C PRO B 220 14.61 -3.09 15.81
N LEU B 221 13.69 -4.05 15.64
CA LEU B 221 12.67 -4.00 14.59
C LEU B 221 11.29 -3.61 15.11
N LEU B 222 11.18 -3.13 16.35
CA LEU B 222 9.91 -2.74 16.96
C LEU B 222 9.48 -1.34 16.51
N HIS B 223 9.38 -1.17 15.18
CA HIS B 223 8.85 0.08 14.66
C HIS B 223 7.38 0.18 15.02
N ALA B 224 6.86 1.41 14.99
CA ALA B 224 5.54 1.68 15.51
C ALA B 224 4.48 0.83 14.82
N VAL B 225 4.58 0.68 13.50
CA VAL B 225 3.62 -0.12 12.75
C VAL B 225 3.72 -1.60 13.13
N MET B 226 4.94 -2.11 13.29
CA MET B 226 5.11 -3.51 13.68
C MET B 226 4.51 -3.76 15.06
N VAL B 227 4.73 -2.84 16.00
CA VAL B 227 4.13 -2.95 17.32
C VAL B 227 2.60 -3.02 17.21
N CYS B 228 2.02 -2.11 16.43
CA CYS B 228 0.56 -2.04 16.30
C CYS B 228 -0.01 -3.30 15.68
N ILE B 229 0.64 -3.82 14.64
CA ILE B 229 0.13 -5.04 13.99
C ILE B 229 0.08 -6.18 15.00
N ASP B 230 1.14 -6.30 15.80
CA ASP B 230 1.14 -7.35 16.82
CA ASP B 230 1.18 -7.32 16.85
C ASP B 230 0.08 -7.11 17.89
N LEU B 231 -0.27 -5.84 18.17
CA LEU B 231 -1.32 -5.58 19.14
C LEU B 231 -2.67 -6.01 18.58
N VAL B 232 -2.98 -5.61 17.34
CA VAL B 232 -4.22 -6.07 16.70
C VAL B 232 -4.27 -7.59 16.66
N ALA B 233 -3.15 -8.23 16.35
CA ALA B 233 -3.10 -9.70 16.32
C ALA B 233 -3.48 -10.29 17.68
N GLN B 234 -2.90 -9.78 18.76
CA GLN B 234 -3.13 -10.44 20.04
C GLN B 234 -4.57 -10.26 20.53
N GLY B 235 -5.29 -9.25 20.03
CA GLY B 235 -6.64 -8.98 20.51
C GLY B 235 -7.72 -9.55 19.64
N GLN B 236 -7.38 -10.48 18.75
CA GLN B 236 -8.33 -10.97 17.77
C GLN B 236 -8.79 -12.38 18.12
N GLY B 237 -9.94 -12.75 17.55
CA GLY B 237 -10.61 -14.00 17.87
C GLY B 237 -9.86 -15.26 17.50
N GLU B 238 -10.45 -16.42 17.84
CA GLU B 238 -9.79 -17.70 17.63
C GLU B 238 -9.92 -18.18 16.19
N ASP B 239 -11.09 -17.97 15.58
CA ASP B 239 -11.30 -18.34 14.18
C ASP B 239 -10.96 -17.16 13.27
N SER B 240 -9.71 -16.71 13.38
CA SER B 240 -9.24 -15.54 12.64
C SER B 240 -8.28 -15.95 11.53
N LEU B 241 -8.30 -15.18 10.45
CA LEU B 241 -7.31 -15.28 9.39
C LEU B 241 -6.05 -14.47 9.78
N PRO B 242 -4.90 -14.76 9.16
CA PRO B 242 -3.68 -14.03 9.52
C PRO B 242 -3.62 -12.63 8.96
N TYR B 243 -4.58 -12.25 8.10
CA TYR B 243 -4.69 -10.90 7.54
C TYR B 243 -5.25 -9.96 8.60
N VAL B 244 -4.42 -9.74 9.62
CA VAL B 244 -4.80 -9.11 10.88
C VAL B 244 -5.48 -7.75 10.67
N CYS B 245 -5.08 -7.02 9.63
CA CYS B 245 -5.55 -5.64 9.46
C CYS B 245 -6.64 -5.49 8.42
N THR B 246 -7.21 -6.59 7.94
CA THR B 246 -8.28 -6.49 6.93
C THR B 246 -9.36 -5.51 7.40
N GLY B 247 -9.71 -4.58 6.50
CA GLY B 247 -10.78 -3.63 6.74
C GLY B 247 -10.42 -2.42 7.57
N TYR B 248 -9.24 -2.37 8.17
CA TYR B 248 -8.94 -1.36 9.17
C TYR B 248 -8.17 -0.16 8.59
N ASP B 249 -8.22 0.94 9.32
CA ASP B 249 -7.47 2.15 9.00
C ASP B 249 -6.24 2.25 9.89
N LEU B 250 -5.14 2.75 9.35
CA LEU B 250 -3.94 3.06 10.12
C LEU B 250 -3.66 4.55 10.04
N TYR B 251 -3.45 5.17 11.20
CA TYR B 251 -2.93 6.53 11.30
C TYR B 251 -1.52 6.46 11.87
N VAL B 252 -0.53 6.92 11.12
CA VAL B 252 0.85 6.89 11.60
C VAL B 252 1.46 8.27 11.38
N THR B 253 2.27 8.73 12.33
CA THR B 253 2.73 10.13 12.29
C THR B 253 3.58 10.41 11.05
N ARG B 254 4.50 9.50 10.69
CA ARG B 254 5.27 9.68 9.48
C ARG B 254 5.29 8.39 8.67
N GLU B 255 5.63 8.55 7.39
CA GLU B 255 5.48 7.51 6.39
C GLU B 255 6.28 6.25 6.74
N PRO B 256 5.68 5.07 6.61
CA PRO B 256 6.37 3.82 6.97
C PRO B 256 7.55 3.50 6.06
N CYS B 257 8.57 2.88 6.66
CA CYS B 257 9.71 2.35 5.91
C CYS B 257 9.28 1.13 5.09
N VAL B 258 10.22 0.57 4.31
CA VAL B 258 9.91 -0.58 3.46
C VAL B 258 9.38 -1.76 4.28
N MET B 259 10.02 -2.06 5.41
CA MET B 259 9.58 -3.20 6.21
C MET B 259 8.14 -3.01 6.67
N CYS B 260 7.84 -1.85 7.25
CA CYS B 260 6.51 -1.58 7.80
C CYS B 260 5.47 -1.51 6.70
N ALA B 261 5.81 -0.83 5.59
CA ALA B 261 4.86 -0.70 4.50
C ALA B 261 4.46 -2.06 3.94
N MET B 262 5.44 -2.96 3.76
CA MET B 262 5.11 -4.27 3.19
C MET B 262 4.45 -5.18 4.24
N ALA B 263 4.78 -5.00 5.52
CA ALA B 263 4.00 -5.66 6.57
C ALA B 263 2.53 -5.29 6.44
N LEU B 264 2.24 -4.02 6.14
CA LEU B 264 0.86 -3.60 5.94
C LEU B 264 0.24 -4.23 4.69
N VAL B 265 1.03 -4.48 3.65
CA VAL B 265 0.51 -5.20 2.48
C VAL B 265 0.14 -6.62 2.88
N HIS B 266 1.06 -7.32 3.56
CA HIS B 266 0.82 -8.68 4.03
C HIS B 266 -0.34 -8.77 5.01
N ALA B 267 -0.43 -7.80 5.94
CA ALA B 267 -1.52 -7.80 6.92
C ALA B 267 -2.84 -7.33 6.32
N ARG B 268 -2.80 -6.71 5.14
CA ARG B 268 -3.96 -6.26 4.36
C ARG B 268 -4.72 -5.11 5.04
N ILE B 269 -3.98 -4.08 5.44
CA ILE B 269 -4.60 -2.83 5.88
C ILE B 269 -5.48 -2.31 4.75
N GLN B 270 -6.56 -1.60 5.10
CA GLN B 270 -7.42 -1.08 4.05
C GLN B 270 -7.08 0.34 3.64
N ARG B 271 -6.80 1.22 4.60
CA ARG B 271 -6.33 2.57 4.29
C ARG B 271 -5.27 2.97 5.28
N VAL B 272 -4.35 3.82 4.84
CA VAL B 272 -3.33 4.39 5.70
C VAL B 272 -3.39 5.90 5.55
N PHE B 273 -3.41 6.60 6.67
CA PHE B 273 -3.22 8.05 6.72
C PHE B 273 -1.92 8.34 7.44
N TYR B 274 -1.04 9.12 6.83
CA TYR B 274 0.14 9.53 7.55
C TYR B 274 0.32 11.04 7.48
N GLY B 275 1.12 11.55 8.40
CA GLY B 275 1.35 12.98 8.48
C GLY B 275 2.39 13.51 7.51
N ALA B 276 3.66 13.24 7.77
CA ALA B 276 4.72 13.73 6.91
C ALA B 276 5.46 12.56 6.26
N PRO B 277 6.07 12.77 5.09
CA PRO B 277 6.85 11.69 4.47
C PRO B 277 8.07 11.33 5.31
N SER B 278 8.67 10.19 4.97
CA SER B 278 9.99 9.76 5.44
C SER B 278 10.93 9.68 4.25
N PRO B 279 12.23 9.95 4.47
CA PRO B 279 13.18 9.93 3.33
C PRO B 279 13.25 8.59 2.60
N ASP B 280 13.26 7.48 3.32
CA ASP B 280 13.22 6.16 2.69
C ASP B 280 11.81 5.58 2.67
N GLY B 281 10.79 6.44 2.71
CA GLY B 281 9.43 5.95 2.87
C GLY B 281 8.97 5.12 1.67
N ALA B 282 8.10 4.15 1.94
CA ALA B 282 7.65 3.22 0.92
C ALA B 282 6.16 3.32 0.63
N LEU B 283 5.51 4.40 1.06
CA LEU B 283 4.12 4.68 0.71
C LEU B 283 4.04 6.08 0.11
N GLY B 284 4.85 6.34 -0.90
CA GLY B 284 4.88 7.65 -1.53
C GLY B 284 6.26 8.12 -1.96
N THR B 285 7.28 7.95 -1.10
CA THR B 285 8.55 8.64 -1.34
C THR B 285 9.46 7.84 -2.28
N LEU B 286 10.06 6.77 -1.77
CA LEU B 286 10.93 5.93 -2.61
C LEU B 286 10.18 4.78 -3.26
N PHE B 287 9.10 4.30 -2.66
CA PHE B 287 8.28 3.27 -3.25
C PHE B 287 6.82 3.60 -3.01
N ARG B 288 5.95 2.83 -3.71
CA ARG B 288 4.51 2.91 -3.53
C ARG B 288 3.96 1.49 -3.51
N VAL B 289 4.33 0.73 -2.48
CA VAL B 289 4.02 -0.69 -2.48
C VAL B 289 2.54 -0.94 -2.24
N HIS B 290 1.81 0.09 -1.86
CA HIS B 290 0.36 -0.01 -1.69
C HIS B 290 -0.39 0.03 -3.02
N ALA B 291 0.30 0.37 -4.11
CA ALA B 291 -0.38 0.65 -5.37
C ALA B 291 0.36 -0.01 -6.52
N ARG B 292 0.60 -1.32 -6.37
CA ARG B 292 1.30 -2.11 -7.38
C ARG B 292 0.37 -3.15 -7.96
N PRO B 293 0.47 -3.44 -9.26
CA PRO B 293 -0.38 -4.48 -9.85
C PRO B 293 0.08 -5.89 -9.55
N ASP B 294 1.35 -6.09 -9.21
CA ASP B 294 1.92 -7.43 -9.07
C ASP B 294 2.03 -7.89 -7.62
N LEU B 295 1.41 -7.16 -6.69
CA LEU B 295 1.21 -7.65 -5.33
C LEU B 295 -0.28 -7.91 -5.16
N ASN B 296 -0.60 -8.93 -4.38
CA ASN B 296 -1.98 -9.39 -4.31
C ASN B 296 -2.86 -8.52 -3.41
N HIS B 297 -2.43 -7.30 -3.07
CA HIS B 297 -3.24 -6.41 -2.25
C HIS B 297 -2.82 -4.98 -2.48
N ARG B 298 -3.78 -4.11 -2.73
CA ARG B 298 -3.59 -2.68 -2.87
CA ARG B 298 -3.58 -2.68 -2.86
C ARG B 298 -4.44 -1.96 -1.82
N PHE B 299 -4.02 -0.76 -1.42
CA PHE B 299 -4.85 -0.02 -0.47
C PHE B 299 -4.62 1.47 -0.65
N GLN B 300 -5.54 2.28 -0.12
CA GLN B 300 -5.46 3.72 -0.26
C GLN B 300 -4.49 4.32 0.75
N VAL B 301 -3.77 5.36 0.33
CA VAL B 301 -2.86 6.10 1.20
C VAL B 301 -3.08 7.59 0.99
N PHE B 302 -3.11 8.35 2.09
CA PHE B 302 -3.21 9.80 2.07
C PHE B 302 -2.11 10.36 2.96
N ARG B 303 -1.41 11.38 2.48
CA ARG B 303 -0.45 12.10 3.29
C ARG B 303 -1.01 13.47 3.65
N GLY B 304 -0.41 14.08 4.68
CA GLY B 304 -0.67 15.46 5.04
C GLY B 304 -1.50 15.66 6.30
N ILE B 305 -2.08 14.60 6.87
CA ILE B 305 -2.98 14.72 8.02
C ILE B 305 -2.19 15.23 9.21
N LEU B 306 -2.51 16.45 9.67
CA LEU B 306 -1.78 17.08 10.76
C LEU B 306 -0.29 17.16 10.47
N GLU B 307 0.07 17.38 9.19
CA GLU B 307 1.47 17.34 8.80
C GLU B 307 2.28 18.37 9.56
N ASP B 308 1.66 19.52 9.86
CA ASP B 308 2.28 20.57 10.65
C ASP B 308 2.99 20.02 11.89
N GLN B 309 2.30 19.23 12.69
CA GLN B 309 2.91 18.66 13.88
C GLN B 309 3.79 17.45 13.55
N CYS B 310 3.37 16.64 12.58
CA CYS B 310 4.07 15.39 12.33
C CYS B 310 5.48 15.61 11.79
N ARG B 311 5.70 16.71 11.05
CA ARG B 311 7.01 16.93 10.43
C ARG B 311 8.10 17.18 11.47
N GLN B 312 7.74 17.55 12.70
CA GLN B 312 8.70 17.71 13.77
C GLN B 312 9.00 16.41 14.50
N LEU B 313 8.38 15.31 14.12
CA LEU B 313 8.63 14.02 14.76
C LEU B 313 9.62 13.22 13.91
N ASP B 314 9.91 11.97 14.35
CA ASP B 314 11.00 11.24 13.72
C ASP B 314 10.51 10.54 12.46
N PRO B 315 11.36 10.47 11.42
CA PRO B 315 11.02 9.64 10.27
C PRO B 315 11.14 8.16 10.63
N ASP B 316 10.57 7.32 9.79
CA ASP B 316 10.71 5.86 9.91
C ASP B 316 11.59 5.34 8.79
N PRO B 317 12.67 4.59 9.05
CA PRO B 317 13.12 4.13 10.37
C PRO B 317 13.78 5.26 11.18
ZN ZN C . 9.10 -12.37 4.07
ZN ZN D . 9.45 0.88 9.74
#